data_3FOU
#
_entry.id   3FOU
#
_cell.length_a   113.152
_cell.length_b   58.512
_cell.length_c   58.798
_cell.angle_alpha   90.00
_cell.angle_beta   90.00
_cell.angle_gamma   90.00
#
_symmetry.space_group_name_H-M   'P 21 21 2'
#
loop_
_entity.id
_entity.type
_entity.pdbx_description
1 polymer 'Quinol-cytochrome c reductase, Rieske iron-sulfur subunit'
2 non-polymer 'FE2/S2 (INORGANIC) CLUSTER'
3 non-polymer 'PRASEODYMIUM ION'
4 non-polymer 'CALCIUM ION'
5 non-polymer 'ACETATE ION'
6 water water
#
_entity_poly.entity_id   1
_entity_poly.type   'polypeptide(L)'
_entity_poly.pdbx_seq_one_letter_code
;TPEKEPLKPGDILVYAQGGGEPKPIRLEELKPGDPFVLAYPMDPKTKVVKSGEAKNTLLVARFDPEELAPEVAQHAAEGV
VAYSAVCTHLGCIVSQWVADEEAALCPCHGGVYDLRHGAQVIAGPPPRPVPQLPVRVEDGVLVAAGEFLGPVGVQA
;
_entity_poly.pdbx_strand_id   A,B
#
loop_
_chem_comp.id
_chem_comp.type
_chem_comp.name
_chem_comp.formula
ACT non-polymer 'ACETATE ION' 'C2 H3 O2 -1'
CA non-polymer 'CALCIUM ION' 'Ca 2'
FES non-polymer 'FE2/S2 (INORGANIC) CLUSTER' 'Fe2 S2'
PR non-polymer 'PRASEODYMIUM ION' 'Pr 3'
#
# COMPACT_ATOMS: atom_id res chain seq x y z
N THR A 1 2.70 22.67 4.70
CA THR A 1 3.74 22.30 3.70
C THR A 1 3.06 21.84 2.40
N PRO A 2 3.67 22.08 1.23
CA PRO A 2 3.05 21.59 -0.03
C PRO A 2 2.67 20.08 -0.08
N GLU A 3 3.43 19.21 0.62
CA GLU A 3 3.20 17.75 0.60
C GLU A 3 1.95 17.33 1.39
N LYS A 4 1.42 18.25 2.20
CA LYS A 4 0.29 17.96 3.06
C LYS A 4 -0.97 18.69 2.61
N GLU A 5 -0.89 19.29 1.42
CA GLU A 5 -2.04 19.99 0.88
C GLU A 5 -3.10 19.00 0.40
N PRO A 6 -4.41 19.34 0.54
CA PRO A 6 -5.46 18.38 0.18
C PRO A 6 -5.55 18.12 -1.33
N LEU A 7 -6.10 16.96 -1.67
CA LEU A 7 -6.39 16.64 -3.05
C LEU A 7 -7.30 17.71 -3.64
N LYS A 8 -6.96 18.17 -4.84
CA LYS A 8 -7.80 19.12 -5.60
C LYS A 8 -8.20 18.52 -6.95
N PRO A 9 -9.39 18.84 -7.49
CA PRO A 9 -9.66 18.34 -8.84
C PRO A 9 -8.61 18.82 -9.84
N GLY A 10 -8.35 18.00 -10.87
CA GLY A 10 -7.21 18.23 -11.79
C GLY A 10 -5.85 17.69 -11.34
N ASP A 11 -5.73 17.26 -10.07
CA ASP A 11 -4.49 16.64 -9.64
C ASP A 11 -4.27 15.40 -10.49
N ILE A 12 -3.02 15.22 -10.95
CA ILE A 12 -2.57 13.99 -11.62
C ILE A 12 -2.42 12.84 -10.59
N LEU A 13 -2.97 11.67 -10.87
CA LEU A 13 -2.78 10.52 -9.95
C LEU A 13 -1.49 9.82 -10.31
N VAL A 14 -0.68 9.56 -9.29
CA VAL A 14 0.65 8.96 -9.45
C VAL A 14 0.71 7.72 -8.56
N TYR A 15 1.49 6.73 -8.96
CA TYR A 15 1.62 5.54 -8.16
C TYR A 15 2.31 5.93 -6.83
N ALA A 16 1.94 5.27 -5.73
CA ALA A 16 2.69 5.48 -4.47
C ALA A 16 4.21 5.34 -4.73
N GLN A 17 5.00 6.32 -4.28
CA GLN A 17 6.42 6.41 -4.62
C GLN A 17 7.30 6.37 -3.35
N GLY A 18 8.45 5.72 -3.39
CA GLY A 18 9.44 5.85 -2.28
C GLY A 18 10.25 7.10 -2.59
N GLY A 19 11.53 6.98 -2.80
CA GLY A 19 12.30 8.21 -3.16
C GLY A 19 12.26 8.56 -4.64
N GLY A 20 12.50 9.81 -4.99
CA GLY A 20 12.78 10.10 -6.45
C GLY A 20 11.56 10.60 -7.19
N GLU A 21 11.65 10.71 -8.52
CA GLU A 21 10.54 11.30 -9.30
C GLU A 21 9.37 10.33 -9.35
N PRO A 22 8.14 10.87 -9.30
CA PRO A 22 6.94 10.06 -9.36
C PRO A 22 6.57 9.61 -10.77
N LYS A 23 5.69 8.60 -10.85
CA LYS A 23 5.15 8.07 -12.12
C LYS A 23 3.61 8.28 -12.20
N PRO A 24 3.14 9.13 -13.15
CA PRO A 24 1.70 9.30 -13.45
C PRO A 24 1.10 7.96 -13.82
N ILE A 25 -0.17 7.74 -13.42
CA ILE A 25 -0.88 6.53 -13.76
C ILE A 25 -1.56 6.81 -15.12
N ARG A 26 -1.16 6.04 -16.13
CA ARG A 26 -1.74 6.06 -17.45
C ARG A 26 -2.79 4.95 -17.53
N LEU A 27 -3.88 5.28 -18.21
CA LEU A 27 -4.97 4.36 -18.45
C LEU A 27 -4.45 3.02 -18.99
N GLU A 28 -3.60 3.08 -20.01
CA GLU A 28 -3.08 1.87 -20.68
C GLU A 28 -2.24 0.97 -19.78
N GLU A 29 -1.81 1.50 -18.63
CA GLU A 29 -1.05 0.68 -17.67
C GLU A 29 -1.95 -0.20 -16.76
N LEU A 30 -3.23 0.17 -16.63
CA LEU A 30 -4.19 -0.55 -15.81
C LEU A 30 -4.96 -1.61 -16.64
N LYS A 31 -4.79 -2.86 -16.28
CA LYS A 31 -5.38 -3.95 -17.01
C LYS A 31 -6.70 -4.34 -16.30
N PRO A 32 -7.82 -4.43 -17.06
CA PRO A 32 -9.13 -4.73 -16.41
C PRO A 32 -9.00 -6.00 -15.56
N GLY A 33 -9.53 -5.99 -14.33
CA GLY A 33 -9.48 -7.18 -13.47
C GLY A 33 -8.24 -7.33 -12.59
N ASP A 34 -7.23 -6.47 -12.80
CA ASP A 34 -6.01 -6.53 -11.96
C ASP A 34 -6.24 -5.89 -10.59
N PRO A 35 -5.49 -6.30 -9.56
CA PRO A 35 -5.60 -5.61 -8.26
C PRO A 35 -5.37 -4.11 -8.34
N PHE A 36 -6.02 -3.38 -7.44
CA PHE A 36 -5.90 -1.92 -7.40
C PHE A 36 -4.46 -1.51 -7.10
N VAL A 37 -4.15 -0.24 -7.41
CA VAL A 37 -2.86 0.34 -7.06
C VAL A 37 -3.10 1.43 -6.01
N LEU A 38 -2.16 1.62 -5.12
CA LEU A 38 -2.22 2.75 -4.20
C LEU A 38 -1.59 3.91 -4.89
N ALA A 39 -2.25 5.05 -4.72
CA ALA A 39 -1.98 6.22 -5.51
C ALA A 39 -2.09 7.50 -4.66
N TYR A 40 -1.44 8.57 -5.11
CA TYR A 40 -1.58 9.90 -4.50
C TYR A 40 -1.85 10.97 -5.57
N PRO A 41 -2.45 12.10 -5.16
CA PRO A 41 -2.60 13.21 -6.10
C PRO A 41 -1.34 14.07 -6.15
N MET A 42 -0.98 14.52 -7.38
CA MET A 42 0.16 15.41 -7.61
C MET A 42 -0.33 16.72 -8.25
N ASP A 43 0.01 17.84 -7.62
CA ASP A 43 -0.30 19.14 -8.18
C ASP A 43 0.26 19.22 -9.61
N PRO A 44 -0.62 19.49 -10.58
CA PRO A 44 -0.21 19.47 -11.96
C PRO A 44 0.79 20.59 -12.29
N LYS A 45 0.72 21.74 -11.62
CA LYS A 45 1.75 22.78 -11.83
C LYS A 45 3.11 22.50 -11.16
N THR A 46 3.09 22.46 -9.83
CA THR A 46 4.30 22.31 -9.03
C THR A 46 4.90 20.89 -9.05
N LYS A 47 4.08 19.90 -9.47
CA LYS A 47 4.48 18.48 -9.46
C LYS A 47 4.85 18.00 -8.04
N VAL A 48 4.28 18.63 -7.03
CA VAL A 48 4.49 18.19 -5.66
C VAL A 48 3.51 17.07 -5.40
N VAL A 49 4.03 15.93 -4.94
CA VAL A 49 3.14 14.82 -4.56
C VAL A 49 2.60 14.99 -3.13
N LYS A 50 1.29 15.08 -3.03
CA LYS A 50 0.64 15.38 -1.77
C LYS A 50 0.52 14.13 -0.87
N SER A 51 1.64 13.40 -0.73
CA SER A 51 1.65 12.12 0.00
C SER A 51 1.87 12.29 1.52
N GLY A 52 2.07 13.54 1.96
CA GLY A 52 2.24 13.86 3.35
C GLY A 52 0.96 13.90 4.13
N GLU A 53 -0.16 14.17 3.45
CA GLU A 53 -1.49 14.07 4.08
C GLU A 53 -2.12 12.71 3.74
N ALA A 54 -2.30 11.87 4.78
CA ALA A 54 -2.86 10.50 4.60
C ALA A 54 -4.28 10.50 4.04
N LYS A 55 -4.98 11.63 4.10
CA LYS A 55 -6.36 11.67 3.59
C LYS A 55 -6.36 11.73 2.06
N ASN A 56 -5.19 11.94 1.47
CA ASN A 56 -5.02 11.92 0.03
C ASN A 56 -4.71 10.54 -0.51
N THR A 57 -4.58 9.54 0.36
CA THR A 57 -4.29 8.16 -0.09
C THR A 57 -5.44 7.59 -0.89
N LEU A 58 -5.08 7.12 -2.08
CA LEU A 58 -6.07 6.56 -2.99
C LEU A 58 -5.84 5.08 -3.31
N LEU A 59 -6.91 4.36 -3.55
CA LEU A 59 -6.80 3.09 -4.35
C LEU A 59 -7.48 3.23 -5.75
N VAL A 60 -6.84 2.73 -6.80
CA VAL A 60 -7.30 2.88 -8.20
C VAL A 60 -7.36 1.51 -8.82
N ALA A 61 -8.48 1.16 -9.47
CA ALA A 61 -8.62 -0.18 -10.08
C ALA A 61 -9.46 -0.10 -11.37
N ARG A 62 -9.16 -0.98 -12.33
CA ARG A 62 -9.89 -1.02 -13.61
C ARG A 62 -10.82 -2.21 -13.60
N PHE A 63 -12.11 -1.94 -13.79
CA PHE A 63 -13.08 -3.02 -13.81
C PHE A 63 -13.58 -3.13 -15.22
N ASP A 64 -14.32 -4.21 -15.50
CA ASP A 64 -15.02 -4.30 -16.76
C ASP A 64 -16.13 -3.23 -16.72
N PRO A 65 -16.12 -2.32 -17.70
CA PRO A 65 -17.08 -1.24 -17.61
C PRO A 65 -18.54 -1.71 -17.44
N GLU A 66 -18.93 -2.88 -17.99
CA GLU A 66 -20.31 -3.33 -17.84
C GLU A 66 -20.58 -4.05 -16.49
N GLU A 67 -19.56 -4.25 -15.64
CA GLU A 67 -19.78 -4.74 -14.28
C GLU A 67 -20.01 -3.67 -13.20
N LEU A 68 -19.74 -2.41 -13.49
CA LEU A 68 -19.88 -1.34 -12.46
C LEU A 68 -21.35 -0.95 -12.20
N ALA A 69 -21.67 -0.59 -10.94
CA ALA A 69 -23.00 -0.07 -10.65
C ALA A 69 -23.13 1.23 -11.44
N PRO A 70 -24.33 1.52 -11.98
CA PRO A 70 -24.54 2.78 -12.76
C PRO A 70 -24.03 4.05 -12.07
N GLU A 71 -24.18 4.07 -10.75
CA GLU A 71 -23.75 5.20 -9.92
C GLU A 71 -22.22 5.30 -9.79
N VAL A 72 -21.58 4.14 -9.75
CA VAL A 72 -20.13 4.03 -9.74
C VAL A 72 -19.63 4.42 -11.14
N ALA A 73 -20.31 3.92 -12.18
CA ALA A 73 -19.91 4.12 -13.57
C ALA A 73 -19.90 5.58 -13.94
N GLN A 74 -20.74 6.38 -13.32
CA GLN A 74 -20.79 7.76 -13.76
C GLN A 74 -19.56 8.60 -13.31
N HIS A 75 -18.81 8.07 -12.33
CA HIS A 75 -17.60 8.72 -11.89
C HIS A 75 -16.29 7.98 -12.32
N ALA A 76 -16.43 7.00 -13.22
CA ALA A 76 -15.36 6.12 -13.63
C ALA A 76 -14.85 6.63 -14.95
N ALA A 77 -13.63 6.24 -15.32
CA ALA A 77 -13.08 6.57 -16.63
C ALA A 77 -12.66 5.28 -17.30
N GLU A 78 -13.46 4.78 -18.22
CA GLU A 78 -13.13 3.58 -19.00
C GLU A 78 -13.02 2.32 -18.13
N GLY A 79 -13.97 2.15 -17.21
CA GLY A 79 -13.86 1.09 -16.19
C GLY A 79 -12.93 1.42 -15.00
N VAL A 80 -12.19 2.54 -15.05
CA VAL A 80 -11.28 2.89 -13.94
C VAL A 80 -12.02 3.67 -12.85
N VAL A 81 -11.98 3.12 -11.63
CA VAL A 81 -12.56 3.73 -10.43
C VAL A 81 -11.44 4.05 -9.40
N ALA A 82 -11.57 5.16 -8.69
CA ALA A 82 -10.70 5.49 -7.58
C ALA A 82 -11.56 5.68 -6.34
N TYR A 83 -11.00 5.34 -5.18
CA TYR A 83 -11.65 5.58 -3.89
C TYR A 83 -10.61 6.02 -2.90
N SER A 84 -11.09 6.64 -1.81
CA SER A 84 -10.25 6.91 -0.65
C SER A 84 -9.80 5.52 -0.14
N ALA A 85 -8.52 5.42 0.23
CA ALA A 85 -8.02 4.22 0.87
C ALA A 85 -7.90 4.32 2.42
N VAL A 86 -8.53 5.31 3.04
CA VAL A 86 -8.47 5.41 4.46
C VAL A 86 -9.64 4.69 5.06
N CYS A 87 -9.37 3.59 5.77
CA CYS A 87 -10.50 2.84 6.37
C CYS A 87 -11.39 3.76 7.22
N THR A 88 -12.69 3.57 7.09
CA THR A 88 -13.68 4.42 7.80
C THR A 88 -13.91 3.90 9.22
N HIS A 89 -13.37 2.71 9.53
CA HIS A 89 -13.54 2.14 10.84
C HIS A 89 -12.58 2.81 11.80
N LEU A 90 -11.29 2.51 11.70
CA LEU A 90 -10.29 3.18 12.53
C LEU A 90 -9.07 3.76 11.79
N GLY A 91 -9.19 3.99 10.47
CA GLY A 91 -8.19 4.78 9.76
C GLY A 91 -6.98 4.04 9.22
N CYS A 92 -6.92 2.71 9.36
CA CYS A 92 -5.88 1.93 8.64
C CYS A 92 -5.97 2.09 7.10
N ILE A 93 -4.85 1.92 6.43
CA ILE A 93 -4.83 1.99 4.98
C ILE A 93 -5.46 0.69 4.47
N VAL A 94 -6.47 0.84 3.62
CA VAL A 94 -7.14 -0.28 2.99
C VAL A 94 -6.24 -0.77 1.81
N SER A 95 -5.32 -1.68 2.15
CA SER A 95 -4.16 -1.92 1.30
C SER A 95 -4.16 -3.30 0.61
N GLN A 96 -5.15 -4.13 0.94
CA GLN A 96 -5.16 -5.49 0.40
C GLN A 96 -6.31 -5.75 -0.58
N TRP A 97 -6.08 -6.67 -1.51
CA TRP A 97 -7.08 -7.09 -2.52
C TRP A 97 -7.67 -8.46 -2.25
N VAL A 98 -9.00 -8.55 -2.34
CA VAL A 98 -9.69 -9.85 -2.29
C VAL A 98 -10.01 -10.20 -3.77
N ALA A 99 -9.26 -11.17 -4.31
CA ALA A 99 -9.38 -11.58 -5.71
C ALA A 99 -10.78 -12.07 -6.13
N ASP A 100 -11.36 -13.02 -5.38
CA ASP A 100 -12.70 -13.54 -5.68
C ASP A 100 -13.85 -12.52 -5.60
N GLU A 101 -13.76 -11.54 -4.70
CA GLU A 101 -14.77 -10.48 -4.69
C GLU A 101 -14.40 -9.24 -5.48
N GLU A 102 -13.16 -9.14 -5.95
CA GLU A 102 -12.63 -7.86 -6.52
C GLU A 102 -12.99 -6.69 -5.61
N ALA A 103 -12.62 -6.90 -4.32
CA ALA A 103 -12.93 -5.98 -3.21
C ALA A 103 -11.67 -5.52 -2.52
N ALA A 104 -11.76 -4.38 -1.84
CA ALA A 104 -10.63 -3.85 -1.07
C ALA A 104 -10.72 -4.30 0.40
N LEU A 105 -9.62 -4.82 0.92
CA LEU A 105 -9.58 -5.40 2.27
C LEU A 105 -8.71 -4.57 3.17
N CYS A 106 -9.22 -4.24 4.36
CA CYS A 106 -8.41 -3.61 5.42
C CYS A 106 -7.84 -4.69 6.35
N PRO A 107 -6.49 -4.70 6.51
CA PRO A 107 -5.83 -5.73 7.33
C PRO A 107 -6.10 -5.59 8.81
N CYS A 108 -6.52 -4.42 9.25
CA CYS A 108 -6.60 -4.14 10.67
C CYS A 108 -7.75 -4.96 11.29
N HIS A 109 -8.96 -4.89 10.74
CA HIS A 109 -10.05 -5.67 11.33
C HIS A 109 -10.94 -6.37 10.30
N GLY A 110 -10.49 -6.50 9.08
CA GLY A 110 -11.21 -7.31 8.09
C GLY A 110 -12.29 -6.56 7.35
N GLY A 111 -12.29 -5.23 7.47
CA GLY A 111 -13.20 -4.46 6.67
C GLY A 111 -13.01 -4.77 5.19
N VAL A 112 -14.12 -5.05 4.49
CA VAL A 112 -14.06 -5.35 3.02
C VAL A 112 -15.02 -4.46 2.32
N TYR A 113 -14.55 -3.80 1.25
CA TYR A 113 -15.38 -2.84 0.53
C TYR A 113 -15.60 -3.26 -0.88
N ASP A 114 -16.87 -3.44 -1.24
CA ASP A 114 -17.22 -3.92 -2.56
C ASP A 114 -17.08 -2.83 -3.64
N LEU A 115 -15.94 -2.77 -4.35
CA LEU A 115 -15.61 -1.57 -5.20
C LEU A 115 -16.53 -1.32 -6.41
N ARG A 116 -16.99 -2.38 -7.06
CA ARG A 116 -17.87 -2.21 -8.23
C ARG A 116 -19.28 -1.70 -7.85
N HIS A 117 -19.63 -1.86 -6.58
CA HIS A 117 -20.91 -1.39 -6.00
C HIS A 117 -20.67 -0.29 -4.92
N GLY A 118 -19.86 0.69 -5.26
CA GLY A 118 -19.74 1.94 -4.46
C GLY A 118 -18.99 1.74 -3.15
N ALA A 119 -18.25 0.60 -3.04
CA ALA A 119 -17.39 0.27 -1.89
C ALA A 119 -18.27 -0.07 -0.70
N GLN A 120 -19.48 -0.53 -0.98
CA GLN A 120 -20.37 -1.10 0.03
C GLN A 120 -19.64 -2.04 1.01
N VAL A 121 -19.95 -1.95 2.29
CA VAL A 121 -19.23 -2.77 3.28
C VAL A 121 -19.81 -4.16 3.28
N ILE A 122 -19.01 -5.17 2.95
CA ILE A 122 -19.53 -6.51 2.84
C ILE A 122 -18.92 -7.44 3.90
N ALA A 123 -17.98 -6.91 4.68
CA ALA A 123 -17.43 -7.63 5.82
C ALA A 123 -16.80 -6.68 6.81
N GLY A 124 -16.75 -7.09 8.07
CA GLY A 124 -16.06 -6.36 9.13
C GLY A 124 -16.75 -5.11 9.58
N PRO A 125 -16.09 -4.30 10.44
CA PRO A 125 -16.80 -3.19 11.09
C PRO A 125 -16.78 -1.77 10.50
N PRO A 126 -16.32 -1.55 9.22
CA PRO A 126 -16.42 -0.14 8.75
C PRO A 126 -17.88 0.32 8.81
N PRO A 127 -18.14 1.50 9.39
CA PRO A 127 -19.53 1.96 9.50
C PRO A 127 -20.07 2.54 8.19
N ARG A 128 -19.20 2.77 7.20
CA ARG A 128 -19.65 3.36 5.92
C ARG A 128 -18.66 3.14 4.80
N PRO A 129 -19.15 3.15 3.52
CA PRO A 129 -18.24 3.02 2.38
C PRO A 129 -17.15 4.04 2.40
N VAL A 130 -15.94 3.66 1.94
CA VAL A 130 -14.93 4.68 1.64
C VAL A 130 -15.49 5.51 0.46
N PRO A 131 -15.27 6.83 0.45
CA PRO A 131 -15.91 7.52 -0.68
C PRO A 131 -15.13 7.47 -2.03
N GLN A 132 -15.87 7.56 -3.13
CA GLN A 132 -15.34 7.49 -4.49
C GLN A 132 -14.78 8.84 -4.90
N LEU A 133 -13.68 8.79 -5.65
CA LEU A 133 -13.14 9.99 -6.22
C LEU A 133 -13.44 9.90 -7.73
N PRO A 134 -14.13 10.92 -8.25
CA PRO A 134 -14.35 11.09 -9.67
C PRO A 134 -13.03 11.12 -10.47
N VAL A 135 -12.87 10.24 -11.45
CA VAL A 135 -11.64 10.25 -12.32
C VAL A 135 -11.93 10.59 -13.80
N ARG A 136 -10.95 11.14 -14.49
CA ARG A 136 -11.06 11.29 -15.95
C ARG A 136 -9.68 11.08 -16.56
N VAL A 137 -9.62 10.75 -17.85
CA VAL A 137 -8.34 10.63 -18.57
C VAL A 137 -8.02 11.94 -19.27
N GLU A 138 -6.83 12.48 -19.07
CA GLU A 138 -6.33 13.52 -19.98
C GLU A 138 -4.93 13.20 -20.48
N ASP A 139 -4.81 13.19 -21.81
CA ASP A 139 -3.63 12.73 -22.49
C ASP A 139 -3.10 11.40 -21.98
N GLY A 140 -4.00 10.44 -21.82
CA GLY A 140 -3.64 9.08 -21.45
C GLY A 140 -3.48 8.86 -19.94
N VAL A 141 -3.53 9.92 -19.16
CA VAL A 141 -3.16 9.94 -17.74
C VAL A 141 -4.42 10.11 -16.89
N LEU A 142 -4.49 9.39 -15.75
CA LEU A 142 -5.61 9.56 -14.80
C LEU A 142 -5.49 10.83 -13.99
N VAL A 143 -6.58 11.56 -13.94
CA VAL A 143 -6.65 12.87 -13.34
C VAL A 143 -7.86 12.85 -12.41
N ALA A 144 -7.76 13.59 -11.29
CA ALA A 144 -8.88 13.73 -10.38
C ALA A 144 -9.92 14.64 -11.05
N ALA A 145 -11.15 14.16 -11.18
CA ALA A 145 -12.20 14.85 -11.94
C ALA A 145 -13.20 15.61 -11.06
N GLY A 146 -13.03 15.49 -9.75
CA GLY A 146 -13.92 16.11 -8.78
C GLY A 146 -13.34 15.92 -7.39
N GLU A 147 -14.07 16.43 -6.39
CA GLU A 147 -13.78 16.23 -4.98
C GLU A 147 -14.19 14.81 -4.59
N PHE A 148 -13.71 14.31 -3.44
CA PHE A 148 -14.31 13.08 -2.91
C PHE A 148 -15.82 13.27 -2.81
N LEU A 149 -16.58 12.21 -3.06
CA LEU A 149 -18.02 12.32 -2.95
C LEU A 149 -18.47 11.93 -1.53
N GLY A 150 -17.78 12.47 -0.54
CA GLY A 150 -17.98 12.02 0.82
C GLY A 150 -16.79 12.37 1.67
N PRO A 151 -17.00 12.39 3.00
CA PRO A 151 -15.98 12.62 4.02
C PRO A 151 -14.96 11.47 4.00
N VAL A 152 -13.69 11.79 4.17
CA VAL A 152 -12.60 10.81 4.13
C VAL A 152 -12.27 10.35 5.55
N GLY A 153 -12.18 9.03 5.72
CA GLY A 153 -11.57 8.48 6.90
C GLY A 153 -12.50 8.23 8.07
N VAL A 154 -11.95 8.32 9.27
CA VAL A 154 -12.77 8.09 10.46
C VAL A 154 -13.53 9.39 10.71
N GLN A 155 -14.85 9.34 10.62
CA GLN A 155 -15.57 10.62 10.83
C GLN A 155 -16.23 10.69 12.21
N ALA A 156 -15.66 11.59 13.03
CA ALA A 156 -16.23 12.03 14.32
C ALA A 156 -17.66 12.56 14.15
N THR B 1 12.86 16.02 11.37
CA THR B 1 11.61 15.79 12.15
C THR B 1 11.53 14.29 12.61
N PRO B 2 10.74 13.97 13.68
CA PRO B 2 10.77 12.61 14.25
C PRO B 2 10.07 11.50 13.42
N GLU B 3 8.98 11.88 12.74
CA GLU B 3 8.31 11.06 11.74
C GLU B 3 9.22 10.68 10.57
N LYS B 4 10.39 11.31 10.50
CA LYS B 4 11.34 10.98 9.44
C LYS B 4 12.57 10.23 9.89
N GLU B 5 12.62 9.82 11.16
CA GLU B 5 13.81 9.15 11.70
C GLU B 5 14.01 7.78 11.02
N PRO B 6 15.26 7.35 10.82
CA PRO B 6 15.36 6.05 10.14
C PRO B 6 14.87 4.91 11.02
N LEU B 7 14.49 3.79 10.38
CA LEU B 7 14.05 2.58 11.12
C LEU B 7 15.20 2.11 12.04
N LYS B 8 14.90 1.77 13.29
CA LYS B 8 15.93 1.23 14.21
C LYS B 8 15.54 -0.17 14.79
N PRO B 9 16.53 -1.04 15.11
CA PRO B 9 16.16 -2.26 15.81
C PRO B 9 15.35 -1.93 17.04
N GLY B 10 14.36 -2.77 17.34
CA GLY B 10 13.46 -2.55 18.49
C GLY B 10 12.17 -1.81 18.13
N ASP B 11 12.16 -1.20 16.95
CA ASP B 11 10.93 -0.53 16.53
C ASP B 11 9.79 -1.51 16.36
N ILE B 12 8.64 -1.13 16.85
CA ILE B 12 7.44 -1.90 16.67
C ILE B 12 6.90 -1.77 15.21
N LEU B 13 6.50 -2.88 14.60
CA LEU B 13 5.88 -2.79 13.28
C LEU B 13 4.37 -2.55 13.41
N VAL B 14 3.89 -1.49 12.76
CA VAL B 14 2.45 -1.14 12.78
C VAL B 14 1.88 -1.13 11.35
N TYR B 15 0.58 -1.38 11.24
CA TYR B 15 -0.10 -1.43 9.94
C TYR B 15 -0.04 -0.02 9.40
N ALA B 16 0.13 0.12 8.08
CA ALA B 16 0.09 1.42 7.46
C ALA B 16 -1.19 2.11 7.92
N GLN B 17 -1.09 3.39 8.27
CA GLN B 17 -2.15 4.07 9.01
C GLN B 17 -2.55 5.39 8.35
N GLY B 18 -3.83 5.69 8.32
CA GLY B 18 -4.19 7.03 7.81
C GLY B 18 -3.97 8.03 8.94
N GLY B 19 -5.04 8.70 9.34
CA GLY B 19 -4.95 9.42 10.61
C GLY B 19 -5.04 8.54 11.84
N GLY B 20 -4.72 9.10 12.99
CA GLY B 20 -5.13 8.51 14.26
C GLY B 20 -4.10 7.55 14.77
N GLU B 21 -4.49 6.86 15.84
CA GLU B 21 -3.65 5.91 16.55
C GLU B 21 -3.37 4.63 15.73
N PRO B 22 -2.10 4.23 15.65
CA PRO B 22 -1.71 3.05 14.87
C PRO B 22 -1.99 1.69 15.59
N LYS B 23 -1.99 0.63 14.81
CA LYS B 23 -2.27 -0.70 15.34
C LYS B 23 -1.01 -1.52 15.17
N PRO B 24 -0.42 -1.99 16.29
CA PRO B 24 0.73 -2.91 16.22
C PRO B 24 0.32 -4.17 15.46
N ILE B 25 1.23 -4.72 14.68
CA ILE B 25 1.01 -5.98 14.03
C ILE B 25 1.43 -7.08 15.02
N ARG B 26 0.46 -7.91 15.40
CA ARG B 26 0.60 -9.04 16.30
C ARG B 26 0.71 -10.29 15.44
N LEU B 27 1.63 -11.18 15.82
CA LEU B 27 1.86 -12.44 15.13
C LEU B 27 0.54 -13.18 14.83
N GLU B 28 -0.38 -13.19 15.80
CA GLU B 28 -1.62 -13.97 15.68
C GLU B 28 -2.61 -13.45 14.65
N GLU B 29 -2.45 -12.20 14.22
CA GLU B 29 -3.32 -11.58 13.18
C GLU B 29 -2.92 -11.99 11.77
N LEU B 30 -1.72 -12.51 11.62
CA LEU B 30 -1.18 -12.81 10.31
C LEU B 30 -1.39 -14.28 10.00
N LYS B 31 -2.22 -14.53 9.01
CA LYS B 31 -2.54 -15.92 8.69
C LYS B 31 -1.55 -16.44 7.67
N PRO B 32 -0.95 -17.62 7.95
CA PRO B 32 0.05 -18.14 6.99
C PRO B 32 -0.57 -18.14 5.58
N GLY B 33 0.18 -17.69 4.57
CA GLY B 33 -0.33 -17.72 3.21
C GLY B 33 -1.14 -16.53 2.75
N ASP B 34 -1.49 -15.64 3.67
CA ASP B 34 -2.27 -14.46 3.27
C ASP B 34 -1.39 -13.39 2.57
N PRO B 35 -2.02 -12.48 1.79
CA PRO B 35 -1.26 -11.42 1.12
C PRO B 35 -0.49 -10.63 2.19
N PHE B 36 0.65 -10.03 1.81
CA PHE B 36 1.39 -9.14 2.74
C PHE B 36 0.59 -7.90 3.17
N VAL B 37 1.00 -7.34 4.29
CA VAL B 37 0.56 -5.99 4.67
C VAL B 37 1.72 -4.97 4.53
N LEU B 38 1.36 -3.76 4.09
CA LEU B 38 2.28 -2.61 4.08
C LEU B 38 2.38 -2.11 5.52
N ALA B 39 3.58 -1.80 5.98
CA ALA B 39 3.79 -1.41 7.38
C ALA B 39 4.88 -0.35 7.53
N TYR B 40 4.96 0.20 8.73
CA TYR B 40 5.98 1.18 9.12
C TYR B 40 6.52 0.83 10.52
N PRO B 41 7.79 1.26 10.84
CA PRO B 41 8.39 1.10 12.18
C PRO B 41 7.96 2.24 13.07
N MET B 42 7.59 1.90 14.30
CA MET B 42 7.21 2.87 15.29
C MET B 42 8.14 2.88 16.51
N ASP B 43 8.59 4.06 16.91
CA ASP B 43 9.43 4.17 18.11
C ASP B 43 8.71 3.60 19.33
N PRO B 44 9.31 2.57 19.96
CA PRO B 44 8.67 1.87 21.09
C PRO B 44 8.27 2.74 22.30
N LYS B 45 8.99 3.83 22.51
CA LYS B 45 8.78 4.64 23.71
C LYS B 45 8.07 5.94 23.41
N THR B 46 8.50 6.64 22.35
CA THR B 46 7.77 7.85 21.93
C THR B 46 6.43 7.56 21.22
N LYS B 47 6.28 6.37 20.63
CA LYS B 47 5.09 5.97 19.85
C LYS B 47 4.90 6.79 18.55
N VAL B 48 5.98 7.39 18.08
CA VAL B 48 6.05 8.06 16.80
C VAL B 48 6.23 7.03 15.65
N VAL B 49 5.25 6.98 14.75
CA VAL B 49 5.44 6.15 13.56
C VAL B 49 6.19 6.93 12.47
N LYS B 50 7.29 6.34 12.03
CA LYS B 50 8.24 6.92 11.11
C LYS B 50 7.84 6.79 9.63
N SER B 51 6.60 7.16 9.33
CA SER B 51 6.01 7.00 8.01
C SER B 51 6.24 8.20 7.06
N GLY B 52 6.82 9.28 7.59
CA GLY B 52 7.17 10.43 6.76
C GLY B 52 8.47 10.18 6.04
N GLU B 53 9.18 9.12 6.42
CA GLU B 53 10.32 8.66 5.62
C GLU B 53 9.94 7.38 4.85
N ALA B 54 9.84 7.52 3.53
CA ALA B 54 9.30 6.48 2.66
C ALA B 54 10.27 5.30 2.58
N LYS B 55 11.56 5.54 2.82
CA LYS B 55 12.53 4.43 2.99
C LYS B 55 12.28 3.49 4.20
N ASN B 56 11.37 3.87 5.09
CA ASN B 56 10.92 2.99 6.16
C ASN B 56 9.72 2.11 5.74
N THR B 57 9.21 2.28 4.53
CA THR B 57 8.10 1.43 4.04
C THR B 57 8.41 -0.07 4.00
N LEU B 58 7.59 -0.86 4.69
CA LEU B 58 7.84 -2.31 4.80
C LEU B 58 6.70 -3.07 4.17
N LEU B 59 7.02 -4.24 3.62
CA LEU B 59 6.01 -5.27 3.44
C LEU B 59 6.23 -6.43 4.44
N VAL B 60 5.13 -6.93 5.03
CA VAL B 60 5.17 -8.06 6.00
C VAL B 60 4.22 -9.21 5.61
N ALA B 61 4.75 -10.44 5.53
CA ALA B 61 3.96 -11.59 5.13
C ALA B 61 4.34 -12.76 5.97
N ARG B 62 3.35 -13.63 6.21
CA ARG B 62 3.62 -14.88 6.91
C ARG B 62 3.61 -16.01 5.94
N PHE B 63 4.72 -16.76 5.94
CA PHE B 63 4.82 -17.97 5.11
C PHE B 63 4.81 -19.21 5.97
N ASP B 64 4.58 -20.33 5.32
CA ASP B 64 4.93 -21.61 5.92
C ASP B 64 6.45 -21.62 6.21
N PRO B 65 6.86 -21.80 7.47
CA PRO B 65 8.30 -21.73 7.79
C PRO B 65 9.21 -22.64 6.96
N GLU B 66 8.69 -23.81 6.60
CA GLU B 66 9.51 -24.79 5.88
C GLU B 66 9.52 -24.49 4.38
N GLU B 67 8.80 -23.46 3.93
CA GLU B 67 9.03 -23.02 2.54
C GLU B 67 10.07 -21.87 2.39
N LEU B 68 10.60 -21.32 3.50
CA LEU B 68 11.56 -20.22 3.36
C LEU B 68 12.98 -20.73 3.06
N ALA B 69 13.71 -20.03 2.18
CA ALA B 69 15.10 -20.37 1.92
C ALA B 69 15.89 -20.18 3.22
N PRO B 70 16.95 -21.01 3.42
CA PRO B 70 17.75 -20.95 4.68
C PRO B 70 18.12 -19.54 5.11
N GLU B 71 18.60 -18.72 4.19
CA GLU B 71 19.08 -17.37 4.57
C GLU B 71 17.92 -16.51 5.08
N VAL B 72 16.77 -16.63 4.44
CA VAL B 72 15.56 -15.91 4.81
C VAL B 72 15.04 -16.27 6.21
N ALA B 73 14.97 -17.58 6.49
CA ALA B 73 14.49 -18.09 7.76
C ALA B 73 15.34 -17.62 8.93
N GLN B 74 16.63 -17.32 8.69
CA GLN B 74 17.50 -16.77 9.72
C GLN B 74 17.02 -15.45 10.28
N HIS B 75 16.20 -14.74 9.50
CA HIS B 75 15.73 -13.40 9.90
C HIS B 75 14.19 -13.31 10.01
N ALA B 76 13.54 -14.46 10.02
CA ALA B 76 12.07 -14.56 10.11
C ALA B 76 11.67 -14.94 11.54
N ALA B 77 10.41 -14.71 11.89
CA ALA B 77 9.90 -14.99 13.20
C ALA B 77 8.65 -15.80 13.00
N GLU B 78 8.75 -17.11 13.23
CA GLU B 78 7.62 -18.04 13.05
C GLU B 78 6.99 -17.93 11.67
N GLY B 79 7.83 -17.88 10.65
CA GLY B 79 7.33 -17.77 9.28
C GLY B 79 7.09 -16.36 8.74
N VAL B 80 7.06 -15.36 9.62
CA VAL B 80 6.83 -13.98 9.21
C VAL B 80 8.14 -13.37 8.70
N VAL B 81 8.12 -12.89 7.46
CA VAL B 81 9.25 -12.14 6.91
C VAL B 81 8.86 -10.65 6.71
N ALA B 82 9.84 -9.73 6.79
CA ALA B 82 9.57 -8.33 6.38
C ALA B 82 10.62 -7.92 5.36
N TYR B 83 10.23 -7.11 4.38
CA TYR B 83 11.18 -6.56 3.43
C TYR B 83 10.95 -5.10 3.27
N SER B 84 11.95 -4.37 2.79
CA SER B 84 11.69 -3.00 2.29
C SER B 84 10.68 -3.10 1.13
N ALA B 85 9.70 -2.18 1.08
CA ALA B 85 8.78 -2.08 -0.07
C ALA B 85 9.13 -0.96 -1.02
N VAL B 86 10.39 -0.51 -1.05
CA VAL B 86 10.77 0.48 -2.05
C VAL B 86 11.40 -0.18 -3.26
N CYS B 87 10.78 -0.04 -4.43
CA CYS B 87 11.32 -0.75 -5.59
C CYS B 87 12.78 -0.31 -5.88
N THR B 88 13.68 -1.26 -6.13
CA THR B 88 15.08 -0.95 -6.51
C THR B 88 15.24 -0.52 -8.00
N HIS B 89 14.15 -0.64 -8.80
CA HIS B 89 14.16 -0.20 -10.22
C HIS B 89 14.14 1.30 -10.21
N LEU B 90 12.95 1.90 -10.00
CA LEU B 90 12.76 3.34 -9.92
C LEU B 90 12.03 3.88 -8.70
N GLY B 91 12.03 3.15 -7.58
CA GLY B 91 11.54 3.72 -6.32
C GLY B 91 10.04 3.67 -6.01
N CYS B 92 9.21 3.13 -6.91
CA CYS B 92 7.78 2.94 -6.58
C CYS B 92 7.61 1.98 -5.38
N ILE B 93 6.49 2.11 -4.67
CA ILE B 93 6.16 1.23 -3.58
C ILE B 93 5.72 -0.09 -4.21
N VAL B 94 6.35 -1.17 -3.76
CA VAL B 94 5.97 -2.49 -4.19
C VAL B 94 4.69 -2.87 -3.42
N SER B 95 3.56 -2.51 -4.00
CA SER B 95 2.27 -2.54 -3.27
C SER B 95 1.28 -3.69 -3.57
N GLN B 96 1.61 -4.54 -4.55
CA GLN B 96 0.73 -5.63 -5.00
C GLN B 96 1.20 -7.04 -4.69
N TRP B 97 0.24 -7.94 -4.59
CA TRP B 97 0.51 -9.34 -4.27
C TRP B 97 0.32 -10.22 -5.49
N VAL B 98 1.22 -11.18 -5.72
CA VAL B 98 1.03 -12.17 -6.82
C VAL B 98 0.67 -13.47 -6.12
N ALA B 99 -0.58 -13.89 -6.25
CA ALA B 99 -1.08 -14.99 -5.43
C ALA B 99 -0.49 -16.35 -5.84
N ASP B 100 -0.37 -16.61 -7.14
CA ASP B 100 0.16 -17.92 -7.57
C ASP B 100 1.65 -18.05 -7.26
N GLU B 101 2.37 -16.94 -7.11
CA GLU B 101 3.81 -16.99 -6.87
C GLU B 101 4.12 -16.58 -5.45
N GLU B 102 3.11 -16.11 -4.69
CA GLU B 102 3.38 -15.54 -3.36
C GLU B 102 4.50 -14.51 -3.37
N ALA B 103 4.37 -13.56 -4.28
CA ALA B 103 5.47 -12.63 -4.67
C ALA B 103 4.91 -11.24 -4.53
N ALA B 104 5.78 -10.26 -4.25
CA ALA B 104 5.34 -8.86 -4.25
C ALA B 104 5.62 -8.27 -5.66
N LEU B 105 4.66 -7.49 -6.15
CA LEU B 105 4.66 -6.96 -7.49
C LEU B 105 4.68 -5.44 -7.39
N CYS B 106 5.60 -4.81 -8.14
CA CYS B 106 5.55 -3.35 -8.33
C CYS B 106 4.69 -3.00 -9.53
N PRO B 107 3.68 -2.13 -9.31
CA PRO B 107 2.86 -1.78 -10.45
C PRO B 107 3.47 -0.82 -11.48
N CYS B 108 4.62 -0.20 -11.17
CA CYS B 108 5.20 0.78 -12.10
C CYS B 108 5.72 0.15 -13.38
N HIS B 109 6.52 -0.90 -13.29
CA HIS B 109 6.94 -1.58 -14.52
C HIS B 109 6.97 -3.04 -14.36
N GLY B 110 6.31 -3.55 -13.33
CA GLY B 110 6.12 -5.01 -13.25
C GLY B 110 7.24 -5.74 -12.56
N GLY B 111 8.07 -5.08 -11.75
CA GLY B 111 9.03 -5.81 -10.90
C GLY B 111 8.32 -6.83 -9.98
N VAL B 112 8.78 -8.07 -9.93
CA VAL B 112 8.18 -9.07 -9.03
C VAL B 112 9.28 -9.68 -8.18
N TYR B 113 9.05 -9.74 -6.87
CA TYR B 113 10.05 -10.18 -5.91
C TYR B 113 9.64 -11.45 -5.19
N ASP B 114 10.46 -12.48 -5.36
CA ASP B 114 10.20 -13.79 -4.79
C ASP B 114 10.48 -13.77 -3.28
N LEU B 115 9.49 -13.36 -2.50
CA LEU B 115 9.62 -13.30 -1.04
C LEU B 115 10.20 -14.50 -0.31
N ARG B 116 9.76 -15.72 -0.63
CA ARG B 116 10.28 -16.91 0.11
C ARG B 116 11.78 -17.17 -0.18
N HIS B 117 12.23 -16.78 -1.39
CA HIS B 117 13.66 -16.85 -1.78
C HIS B 117 14.33 -15.46 -1.78
N GLY B 118 14.23 -14.74 -0.66
CA GLY B 118 14.99 -13.50 -0.47
C GLY B 118 14.67 -12.34 -1.42
N ALA B 119 13.41 -12.31 -1.90
CA ALA B 119 12.93 -11.20 -2.71
C ALA B 119 13.67 -11.17 -4.05
N GLN B 120 14.13 -12.33 -4.51
CA GLN B 120 14.86 -12.47 -5.74
C GLN B 120 13.95 -11.94 -6.87
N VAL B 121 14.55 -11.16 -7.78
CA VAL B 121 13.78 -10.60 -8.91
C VAL B 121 13.42 -11.69 -9.88
N ILE B 122 12.12 -11.96 -10.04
CA ILE B 122 11.70 -12.97 -10.98
C ILE B 122 10.89 -12.42 -12.19
N ALA B 123 10.64 -11.11 -12.24
CA ALA B 123 10.13 -10.45 -13.44
C ALA B 123 10.40 -8.94 -13.34
N GLY B 124 10.29 -8.27 -14.49
CA GLY B 124 10.52 -6.84 -14.59
C GLY B 124 11.97 -6.42 -14.46
N PRO B 125 12.20 -5.10 -14.40
CA PRO B 125 13.57 -4.56 -14.42
C PRO B 125 14.33 -4.30 -13.12
N PRO B 126 13.75 -4.57 -11.92
CA PRO B 126 14.60 -4.23 -10.75
C PRO B 126 15.97 -4.81 -10.91
N PRO B 127 17.02 -4.01 -10.65
CA PRO B 127 18.45 -4.45 -10.62
C PRO B 127 18.87 -5.43 -9.50
N ARG B 128 18.05 -5.55 -8.45
CA ARG B 128 18.43 -6.33 -7.28
C ARG B 128 17.19 -6.51 -6.35
N PRO B 129 17.23 -7.52 -5.43
CA PRO B 129 16.18 -7.74 -4.45
C PRO B 129 15.96 -6.52 -3.57
N VAL B 130 14.73 -6.30 -3.13
CA VAL B 130 14.53 -5.43 -1.98
C VAL B 130 15.15 -6.14 -0.73
N PRO B 131 15.75 -5.36 0.19
CA PRO B 131 16.42 -5.97 1.33
C PRO B 131 15.45 -6.41 2.46
N GLN B 132 15.81 -7.48 3.17
CA GLN B 132 14.98 -8.05 4.23
C GLN B 132 15.24 -7.27 5.47
N LEU B 133 14.21 -7.12 6.29
CA LEU B 133 14.40 -6.65 7.62
C LEU B 133 14.26 -7.81 8.64
N PRO B 134 15.30 -8.05 9.46
CA PRO B 134 15.14 -9.09 10.49
C PRO B 134 14.02 -8.75 11.48
N VAL B 135 13.17 -9.72 11.80
CA VAL B 135 12.03 -9.45 12.71
C VAL B 135 12.04 -10.47 13.86
N ARG B 136 11.48 -10.10 15.00
CA ARG B 136 11.29 -11.02 16.12
C ARG B 136 9.95 -10.67 16.76
N VAL B 137 9.46 -11.53 17.65
CA VAL B 137 8.19 -11.29 18.34
C VAL B 137 8.46 -10.91 19.80
N GLU B 138 7.80 -9.86 20.26
CA GLU B 138 7.98 -9.35 21.58
C GLU B 138 6.59 -9.13 22.15
N ASP B 139 6.25 -9.90 23.18
CA ASP B 139 4.90 -9.87 23.76
C ASP B 139 3.80 -10.05 22.73
N GLY B 140 4.04 -10.93 21.76
CA GLY B 140 3.07 -11.24 20.73
C GLY B 140 3.03 -10.24 19.57
N VAL B 141 3.79 -9.15 19.68
CA VAL B 141 3.90 -8.06 18.71
C VAL B 141 5.18 -8.16 17.85
N LEU B 142 5.03 -7.95 16.54
CA LEU B 142 6.20 -7.90 15.62
C LEU B 142 7.10 -6.68 15.80
N VAL B 143 8.39 -6.93 15.90
CA VAL B 143 9.38 -5.89 16.14
C VAL B 143 10.57 -6.05 15.18
N ALA B 144 11.24 -4.94 14.82
CA ALA B 144 12.49 -4.99 14.06
C ALA B 144 13.57 -5.63 14.96
N ALA B 145 14.19 -6.70 14.45
CA ALA B 145 15.21 -7.41 15.18
C ALA B 145 16.64 -6.93 14.80
N GLY B 146 16.75 -6.22 13.68
CA GLY B 146 18.00 -5.59 13.23
C GLY B 146 17.68 -4.49 12.22
N GLU B 147 18.72 -4.11 11.45
CA GLU B 147 18.67 -3.18 10.33
C GLU B 147 18.41 -3.91 9.02
N PHE B 148 17.96 -3.15 8.00
CA PHE B 148 17.78 -3.71 6.66
C PHE B 148 19.09 -4.37 6.30
N LEU B 149 19.04 -5.49 5.61
CA LEU B 149 20.26 -6.24 5.34
C LEU B 149 21.13 -5.74 4.18
N GLY B 150 20.51 -5.12 3.19
CA GLY B 150 21.25 -4.33 2.18
C GLY B 150 20.79 -2.88 2.08
N PRO B 151 21.33 -2.12 1.12
CA PRO B 151 20.80 -0.77 0.86
C PRO B 151 19.33 -0.79 0.37
N VAL B 152 18.61 0.25 0.75
CA VAL B 152 17.21 0.44 0.38
C VAL B 152 17.01 1.28 -0.91
N GLY B 153 16.22 0.78 -1.84
CA GLY B 153 15.68 1.60 -2.91
C GLY B 153 16.62 1.74 -4.07
N VAL B 154 16.54 2.88 -4.76
CA VAL B 154 17.34 3.08 -5.97
C VAL B 154 18.75 3.53 -5.58
N GLN B 155 19.74 2.92 -6.21
CA GLN B 155 21.16 3.26 -5.96
C GLN B 155 21.56 4.66 -6.48
N ALA B 156 22.14 5.48 -5.60
CA ALA B 156 22.45 6.90 -5.89
C ALA B 156 23.91 7.18 -6.30
FE1 FES C . -10.13 -0.99 8.83
FE2 FES C . -10.71 -1.55 11.42
S1 FES C . -11.38 -2.58 9.57
S2 FES C . -9.39 0.03 10.67
PR PR D . 12.07 16.06 -7.99
PR PR E . -17.33 -6.44 -20.98
PR PR F . -25.60 10.27 -9.74
PR PR G . -15.07 -8.82 -12.72
PR PR H . -3.97 17.93 -23.71
CA CA I . 1.95 4.54 -25.06
C ACT J . -15.47 -4.63 -21.85
O ACT J . -16.71 -4.95 -21.87
OXT ACT J . -14.70 -5.38 -21.16
CH3 ACT J . -14.96 -3.43 -22.65
C ACT K . -1.14 17.55 -21.28
O ACT K . -2.26 17.93 -20.86
OXT ACT K . -0.84 17.85 -22.48
CH3 ACT K . -0.21 16.77 -20.39
FE1 FES L . 9.20 -0.94 -9.71
FE2 FES L . 9.94 0.12 -12.04
S1 FES L . 9.46 -1.98 -11.64
S2 FES L . 9.73 1.21 -10.20
PR PR M . 12.00 -9.23 25.77
PR PR M . 5.21 -5.98 28.75
CA CA N . -4.69 -13.11 21.59
#